data_5N4U
#
_entry.id   5N4U
#
_cell.length_a   97.911
_cell.length_b   97.911
_cell.length_c   80.573
_cell.angle_alpha   90.00
_cell.angle_beta   90.00
_cell.angle_gamma   120.00
#
_symmetry.space_group_name_H-M   'P 65'
#
loop_
_entity.id
_entity.type
_entity.pdbx_description
1 polymer 'Serine/threonine-protein kinase pim-1'
2 polymer Pimtide
3 non-polymer 5-(2-azanyl-1,3-thiazol-4-yl)-1,3-dihydrobenzimidazol-2-one
4 water water
#
loop_
_entity_poly.entity_id
_entity_poly.type
_entity_poly.pdbx_seq_one_letter_code
_entity_poly.pdbx_strand_id
1 'polypeptide(L)'
;MLLSKINSLAHLRAAPCNDLHATKLAPGKEKEPLESQYQVGPLLGSGGFGSVYSGIRVSDNLPVAIKHVEKDRISDWGEL
PNGTRVPMEVVLLKKVSSGFSGVIRLLDWFERPDSFVLILERPEPVQDLFDFITERGALQEELARSFFWQVLEAVRHCHN
CGVLHRDIKDENILIDLNRGELKLIDFGSGALLKDTVYTDFDGTRVYSPPEWIRYHRYHGRSAAVWSLGILLYDMVCGDI
PFEHDEEIIGGQVFFRQRVSSECQHLIRWCLALRPSDRPTFEEIQNHPWMQDVLLPQETAEIHLHSLSPGPSK
;
A
2 'polypeptide(L)' ARKRRRHPSGPPTA B
#
# COMPACT_ATOMS: atom_id res chain seq x y z
N LEU A 34 -24.79 -5.72 -15.66
CA LEU A 34 -23.37 -5.67 -15.32
C LEU A 34 -22.58 -4.84 -16.35
N GLU A 35 -22.68 -5.21 -17.62
CA GLU A 35 -22.06 -4.41 -18.67
C GLU A 35 -22.91 -3.20 -19.05
N SER A 36 -24.07 -3.01 -18.41
CA SER A 36 -24.95 -1.87 -18.65
C SER A 36 -24.90 -0.83 -17.54
N GLN A 37 -24.24 -1.12 -16.42
CA GLN A 37 -24.10 -0.13 -15.36
C GLN A 37 -22.84 0.73 -15.50
N TYR A 38 -21.89 0.33 -16.34
CA TYR A 38 -20.60 1.02 -16.42
C TYR A 38 -20.17 1.17 -17.87
N GLN A 39 -19.58 2.32 -18.20
CA GLN A 39 -18.88 2.52 -19.46
C GLN A 39 -17.38 2.29 -19.24
N VAL A 40 -16.80 1.41 -20.05
CA VAL A 40 -15.46 0.87 -19.83
C VAL A 40 -14.46 1.66 -20.67
N GLY A 41 -13.44 2.20 -20.02
CA GLY A 41 -12.39 2.93 -20.69
C GLY A 41 -11.15 2.11 -20.94
N PRO A 42 -9.98 2.77 -20.91
CA PRO A 42 -8.73 2.10 -21.24
C PRO A 42 -8.09 1.41 -20.06
N LEU A 43 -7.22 0.46 -20.37
CA LEU A 43 -6.42 -0.20 -19.35
C LEU A 43 -5.61 0.82 -18.53
N LEU A 44 -5.78 0.80 -17.21
CA LEU A 44 -4.83 1.51 -16.36
C LEU A 44 -3.58 0.67 -16.07
N GLY A 45 -3.70 -0.64 -16.13
CA GLY A 45 -2.56 -1.49 -15.88
C GLY A 45 -2.97 -2.93 -15.68
N SER A 46 -1.96 -3.78 -15.56
CA SER A 46 -2.16 -5.19 -15.28
C SER A 46 -0.89 -5.76 -14.66
N GLY A 47 -1.05 -6.88 -13.98
CA GLY A 47 0.06 -7.50 -13.30
C GLY A 47 -0.39 -8.61 -12.37
N GLY A 48 0.31 -8.77 -11.24
CA GLY A 48 -0.04 -9.80 -10.26
C GLY A 48 -1.42 -9.63 -9.68
N PHE A 49 -2.01 -8.44 -9.77
CA PHE A 49 -3.35 -8.17 -9.27
C PHE A 49 -4.46 -8.53 -10.26
N GLY A 50 -4.21 -8.45 -11.56
CA GLY A 50 -5.23 -8.67 -12.57
C GLY A 50 -5.09 -7.64 -13.67
N SER A 51 -6.20 -7.27 -14.30
CA SER A 51 -6.22 -6.22 -15.30
C SER A 51 -7.20 -5.19 -14.82
N VAL A 52 -6.80 -3.92 -14.81
CA VAL A 52 -7.60 -2.84 -14.24
C VAL A 52 -7.88 -1.81 -15.32
N TYR A 53 -9.17 -1.43 -15.47
CA TYR A 53 -9.67 -0.54 -16.52
C TYR A 53 -10.26 0.72 -15.93
N SER A 54 -10.08 1.84 -16.63
CA SER A 54 -10.78 3.04 -16.24
C SER A 54 -12.22 2.91 -16.68
N GLY A 55 -13.12 3.52 -15.93
CA GLY A 55 -14.53 3.33 -16.17
C GLY A 55 -15.32 4.49 -15.60
N ILE A 56 -16.61 4.48 -15.91
CA ILE A 56 -17.56 5.52 -15.53
C ILE A 56 -18.87 4.86 -15.16
N ARG A 57 -19.36 5.13 -13.96
CA ARG A 57 -20.68 4.64 -13.57
C ARG A 57 -21.76 5.50 -14.22
N VAL A 58 -22.60 4.88 -15.06
CA VAL A 58 -23.52 5.68 -15.87
C VAL A 58 -24.62 6.30 -15.01
N SER A 59 -25.02 5.63 -13.92
CA SER A 59 -26.01 6.17 -12.99
C SER A 59 -25.69 7.61 -12.55
N ASP A 60 -24.41 7.98 -12.51
CA ASP A 60 -24.07 9.35 -12.07
C ASP A 60 -22.72 9.84 -12.60
N ASN A 61 -22.18 9.26 -13.68
CA ASN A 61 -20.88 9.65 -14.26
C ASN A 61 -19.73 9.62 -13.23
N LEU A 62 -19.83 8.79 -12.19
CA LEU A 62 -18.75 8.72 -11.21
C LEU A 62 -17.55 7.97 -11.79
N PRO A 63 -16.33 8.51 -11.65
CA PRO A 63 -15.14 7.75 -12.08
C PRO A 63 -14.95 6.51 -11.20
N VAL A 64 -14.66 5.39 -11.84
CA VAL A 64 -14.39 4.13 -11.15
C VAL A 64 -13.17 3.46 -11.78
N ALA A 65 -12.66 2.45 -11.09
CA ALA A 65 -11.69 1.53 -11.65
C ALA A 65 -12.31 0.14 -11.64
N ILE A 66 -12.06 -0.63 -12.69
CA ILE A 66 -12.75 -1.90 -12.90
C ILE A 66 -11.69 -2.97 -12.99
N LYS A 67 -11.62 -3.82 -11.98
CA LYS A 67 -10.57 -4.80 -11.86
C LYS A 67 -11.13 -6.19 -12.10
N HIS A 68 -10.47 -6.94 -12.97
CA HIS A 68 -10.83 -8.31 -13.33
C HIS A 68 -9.80 -9.24 -12.76
N VAL A 69 -10.26 -10.31 -12.08
CA VAL A 69 -9.38 -11.32 -11.50
C VAL A 69 -9.84 -12.68 -11.98
N GLU A 70 -8.89 -13.48 -12.51
CA GLU A 70 -9.22 -14.81 -13.04
C GLU A 70 -9.39 -15.80 -11.88
N LYS A 71 -10.50 -16.55 -11.90
CA LYS A 71 -10.76 -17.46 -10.79
C LYS A 71 -9.62 -18.47 -10.61
N ASP A 72 -9.01 -18.91 -11.72
CA ASP A 72 -7.95 -19.93 -11.64
C ASP A 72 -6.69 -19.41 -10.95
N ARG A 73 -6.48 -18.10 -10.87
CA ARG A 73 -5.29 -17.54 -10.23
C ARG A 73 -5.50 -17.23 -8.76
N ILE A 74 -6.68 -17.47 -8.20
CA ILE A 74 -6.98 -17.01 -6.86
C ILE A 74 -6.46 -18.04 -5.85
N SER A 75 -5.49 -17.62 -5.05
CA SER A 75 -4.89 -18.48 -4.03
C SER A 75 -5.82 -18.66 -2.83
N ASP A 76 -6.13 -17.59 -2.12
CA ASP A 76 -6.93 -17.67 -0.89
C ASP A 76 -8.36 -17.26 -1.19
N TRP A 77 -9.30 -18.09 -0.76
CA TRP A 77 -10.72 -17.82 -0.85
C TRP A 77 -11.27 -17.55 0.54
N GLY A 78 -12.30 -16.71 0.60
CA GLY A 78 -12.97 -16.46 1.84
C GLY A 78 -14.48 -16.57 1.64
N GLU A 79 -15.25 -16.21 2.66
CA GLU A 79 -16.70 -16.15 2.55
C GLU A 79 -17.19 -14.95 3.34
N LEU A 80 -18.37 -14.47 2.96
CA LEU A 80 -18.97 -13.33 3.64
C LEU A 80 -20.21 -13.78 4.42
N PRO A 81 -21.03 -12.83 4.90
CA PRO A 81 -22.25 -13.23 5.60
C PRO A 81 -23.16 -14.12 4.76
N ASN A 82 -23.29 -13.80 3.47
CA ASN A 82 -24.13 -14.61 2.58
C ASN A 82 -23.60 -16.04 2.46
N GLY A 83 -22.44 -16.31 3.05
CA GLY A 83 -21.79 -17.60 2.91
C GLY A 83 -21.27 -17.79 1.50
N THR A 84 -21.48 -16.78 0.65
CA THR A 84 -21.01 -16.85 -0.72
C THR A 84 -19.48 -16.93 -0.72
N ARG A 85 -18.94 -17.80 -1.58
CA ARG A 85 -17.50 -18.03 -1.66
C ARG A 85 -16.90 -16.97 -2.59
N VAL A 86 -16.05 -16.09 -2.06
CA VAL A 86 -15.49 -14.99 -2.82
C VAL A 86 -13.98 -14.98 -2.61
N PRO A 87 -13.22 -14.36 -3.52
CA PRO A 87 -11.79 -14.15 -3.25
C PRO A 87 -11.60 -13.42 -1.94
N MET A 88 -10.54 -13.78 -1.22
CA MET A 88 -10.17 -13.08 0.01
C MET A 88 -10.09 -11.57 -0.21
N GLU A 89 -9.60 -11.15 -1.36
CA GLU A 89 -9.47 -9.73 -1.61
C GLU A 89 -10.82 -9.03 -1.47
N VAL A 90 -11.89 -9.69 -1.92
CA VAL A 90 -13.22 -9.08 -1.74
C VAL A 90 -13.59 -9.01 -0.27
N VAL A 91 -13.30 -10.08 0.50
CA VAL A 91 -13.55 -10.06 1.93
C VAL A 91 -12.84 -8.89 2.59
N LEU A 92 -11.55 -8.70 2.28
CA LEU A 92 -10.80 -7.66 2.96
C LEU A 92 -11.30 -6.28 2.57
N LEU A 93 -11.63 -6.08 1.29
CA LEU A 93 -12.09 -4.76 0.86
C LEU A 93 -13.39 -4.37 1.54
N LYS A 94 -14.33 -5.31 1.70
CA LYS A 94 -15.58 -4.98 2.38
C LYS A 94 -15.32 -4.62 3.82
N LYS A 95 -14.38 -5.30 4.48
CA LYS A 95 -14.11 -4.95 5.87
C LYS A 95 -13.49 -3.56 6.02
N VAL A 96 -12.73 -3.06 5.04
CA VAL A 96 -12.14 -1.73 5.21
C VAL A 96 -12.91 -0.64 4.48
N SER A 97 -13.97 -0.98 3.75
CA SER A 97 -14.61 0.02 2.90
C SER A 97 -15.75 0.75 3.58
N SER A 98 -15.95 0.58 4.88
CA SER A 98 -17.03 1.29 5.56
C SER A 98 -16.50 2.64 5.98
N GLY A 99 -17.24 3.68 5.65
CA GLY A 99 -16.83 5.04 5.97
C GLY A 99 -15.74 5.57 5.05
N PHE A 100 -15.23 6.75 5.42
CA PHE A 100 -14.15 7.44 4.71
C PHE A 100 -12.79 7.03 5.26
N SER A 101 -11.81 6.88 4.38
CA SER A 101 -10.47 6.58 4.86
C SER A 101 -9.45 6.74 3.71
N GLY A 102 -8.21 6.44 4.02
CA GLY A 102 -7.15 6.48 3.04
C GLY A 102 -7.01 5.17 2.31
N VAL A 103 -8.10 4.38 2.18
CA VAL A 103 -8.11 3.15 1.40
C VAL A 103 -9.07 3.28 0.23
N ILE A 104 -8.66 2.82 -0.96
CA ILE A 104 -9.59 2.85 -2.10
C ILE A 104 -10.74 1.90 -1.82
N ARG A 105 -11.97 2.40 -1.89
CA ARG A 105 -13.15 1.67 -1.48
C ARG A 105 -13.74 0.80 -2.59
N LEU A 106 -14.21 -0.37 -2.19
CA LEU A 106 -14.89 -1.29 -3.10
C LEU A 106 -16.35 -0.89 -3.22
N LEU A 107 -16.79 -0.48 -4.41
CA LEU A 107 -18.15 0.03 -4.56
C LEU A 107 -19.15 -1.07 -4.92
N ASP A 108 -18.69 -2.15 -5.56
CA ASP A 108 -19.56 -3.21 -6.02
C ASP A 108 -18.62 -4.31 -6.51
N TRP A 109 -19.19 -5.47 -6.79
CA TRP A 109 -18.47 -6.57 -7.42
C TRP A 109 -19.50 -7.50 -8.03
N PHE A 110 -19.02 -8.40 -8.90
CA PHE A 110 -19.83 -9.30 -9.70
C PHE A 110 -19.05 -10.57 -9.90
N GLU A 111 -19.74 -11.70 -9.96
CA GLU A 111 -19.09 -12.96 -10.32
C GLU A 111 -19.47 -13.30 -11.76
N ARG A 112 -18.46 -13.73 -12.54
CA ARG A 112 -18.62 -14.16 -13.92
C ARG A 112 -18.20 -15.62 -13.99
N PRO A 113 -18.47 -16.31 -15.11
CA PRO A 113 -18.07 -17.72 -15.22
C PRO A 113 -16.67 -18.02 -14.73
N ASP A 114 -15.65 -17.33 -15.26
CA ASP A 114 -14.26 -17.64 -14.93
C ASP A 114 -13.54 -16.51 -14.17
N SER A 115 -14.26 -15.48 -13.72
CA SER A 115 -13.61 -14.33 -13.11
C SER A 115 -14.53 -13.63 -12.12
N PHE A 116 -13.92 -12.82 -11.27
CA PHE A 116 -14.63 -11.80 -10.51
C PHE A 116 -14.22 -10.43 -11.04
N VAL A 117 -15.16 -9.50 -10.97
CA VAL A 117 -14.97 -8.12 -11.38
C VAL A 117 -15.20 -7.24 -10.16
N LEU A 118 -14.27 -6.34 -9.89
CA LEU A 118 -14.34 -5.45 -8.73
C LEU A 118 -14.49 -4.02 -9.24
N ILE A 119 -15.48 -3.29 -8.73
CA ILE A 119 -15.67 -1.87 -9.01
C ILE A 119 -15.09 -1.08 -7.85
N LEU A 120 -14.10 -0.25 -8.13
CA LEU A 120 -13.31 0.46 -7.12
C LEU A 120 -13.37 1.95 -7.41
N GLU A 121 -13.15 2.74 -6.36
CA GLU A 121 -13.04 4.19 -6.54
C GLU A 121 -11.94 4.52 -7.52
N ARG A 122 -12.09 5.66 -8.19
CA ARG A 122 -10.99 6.20 -8.98
C ARG A 122 -10.83 7.70 -8.71
N PRO A 123 -9.82 8.11 -7.98
CA PRO A 123 -9.52 9.54 -7.87
C PRO A 123 -9.13 10.11 -9.23
N GLU A 124 -9.45 11.37 -9.40
CA GLU A 124 -9.09 12.06 -10.64
C GLU A 124 -8.93 13.55 -10.31
N PRO A 125 -7.75 14.11 -10.60
CA PRO A 125 -6.56 13.51 -11.22
C PRO A 125 -5.70 12.75 -10.21
N VAL A 126 -4.93 11.75 -10.68
CA VAL A 126 -4.25 10.79 -9.82
C VAL A 126 -2.89 10.44 -10.43
N GLN A 127 -1.92 10.11 -9.57
CA GLN A 127 -0.65 9.47 -9.94
C GLN A 127 -0.25 8.54 -8.80
N ASP A 128 0.31 7.37 -9.15
CA ASP A 128 0.68 6.49 -8.06
C ASP A 128 2.01 6.98 -7.48
N LEU A 129 2.27 6.61 -6.22
CA LEU A 129 3.43 7.15 -5.55
C LEU A 129 4.74 6.67 -6.20
N PHE A 130 4.75 5.49 -6.83
CA PHE A 130 5.99 5.07 -7.51
C PHE A 130 6.37 6.00 -8.66
N ASP A 131 5.42 6.32 -9.54
CA ASP A 131 5.72 7.23 -10.63
C ASP A 131 6.04 8.63 -10.11
N PHE A 132 5.34 9.06 -9.05
CA PHE A 132 5.60 10.38 -8.49
C PHE A 132 7.05 10.50 -8.03
N ILE A 133 7.56 9.48 -7.32
CA ILE A 133 8.95 9.52 -6.82
C ILE A 133 9.95 9.42 -7.98
N THR A 134 9.63 8.60 -8.99
CA THR A 134 10.46 8.55 -10.21
C THR A 134 10.62 9.94 -10.82
N GLU A 135 9.52 10.67 -11.03
CA GLU A 135 9.64 11.94 -11.73
C GLU A 135 10.24 13.03 -10.83
N ARG A 136 9.95 13.01 -9.54
CA ARG A 136 10.36 14.14 -8.73
C ARG A 136 11.63 13.87 -7.94
N GLY A 137 12.06 12.61 -7.87
CA GLY A 137 13.25 12.28 -7.11
C GLY A 137 12.90 12.21 -5.64
N ALA A 138 13.95 12.18 -4.82
CA ALA A 138 13.81 12.29 -3.36
C ALA A 138 12.87 13.43 -2.97
N LEU A 139 11.91 13.13 -2.12
CA LEU A 139 10.94 14.11 -1.67
C LEU A 139 11.50 14.94 -0.52
N GLN A 140 11.18 16.23 -0.50
CA GLN A 140 11.38 17.04 0.69
C GLN A 140 10.80 16.39 1.94
N GLU A 141 11.50 16.54 3.08
CA GLU A 141 11.06 15.86 4.30
C GLU A 141 9.65 16.31 4.71
N GLU A 142 9.32 17.59 4.50
CA GLU A 142 7.97 18.04 4.84
C GLU A 142 6.93 17.25 4.06
N LEU A 143 7.23 16.94 2.79
CA LEU A 143 6.29 16.23 1.94
C LEU A 143 6.27 14.74 2.26
N ALA A 144 7.44 14.13 2.49
CA ALA A 144 7.50 12.74 2.93
C ALA A 144 6.76 12.55 4.25
N ARG A 145 6.86 13.54 5.15
CA ARG A 145 6.17 13.46 6.45
C ARG A 145 4.66 13.38 6.25
N SER A 146 4.11 14.26 5.40
CA SER A 146 2.67 14.28 5.16
C SER A 146 2.21 12.96 4.56
N PHE A 147 2.90 12.51 3.50
CA PHE A 147 2.55 11.24 2.86
C PHE A 147 2.66 10.07 3.85
N PHE A 148 3.79 9.99 4.56
CA PHE A 148 4.01 8.84 5.42
C PHE A 148 2.98 8.83 6.55
N TRP A 149 2.65 10.00 7.08
CA TRP A 149 1.61 10.09 8.10
C TRP A 149 0.29 9.53 7.57
N GLN A 150 -0.11 9.95 6.36
CA GLN A 150 -1.37 9.45 5.79
C GLN A 150 -1.32 7.95 5.55
N VAL A 151 -0.16 7.42 5.13
CA VAL A 151 -0.07 5.97 4.97
C VAL A 151 -0.23 5.28 6.32
N LEU A 152 0.39 5.83 7.38
CA LEU A 152 0.20 5.25 8.72
C LEU A 152 -1.27 5.24 9.13
N GLU A 153 -2.02 6.33 8.86
CA GLU A 153 -3.44 6.36 9.25
C GLU A 153 -4.23 5.32 8.47
N ALA A 154 -3.90 5.14 7.17
CA ALA A 154 -4.61 4.13 6.36
C ALA A 154 -4.32 2.72 6.86
N VAL A 155 -3.05 2.43 7.19
CA VAL A 155 -2.70 1.08 7.66
C VAL A 155 -3.32 0.82 9.02
N ARG A 156 -3.32 1.82 9.92
CA ARG A 156 -4.01 1.67 11.20
C ARG A 156 -5.49 1.35 10.99
N HIS A 157 -6.11 2.01 10.02
CA HIS A 157 -7.49 1.74 9.69
C HIS A 157 -7.68 0.29 9.29
N CYS A 158 -6.80 -0.21 8.41
CA CYS A 158 -6.90 -1.61 8.01
C CYS A 158 -6.81 -2.51 9.23
N HIS A 159 -5.80 -2.26 10.09
CA HIS A 159 -5.62 -3.10 11.26
C HIS A 159 -6.83 -3.00 12.22
N ASN A 160 -7.44 -1.80 12.35
CA ASN A 160 -8.63 -1.63 13.19
C ASN A 160 -9.78 -2.49 12.68
N CYS A 161 -9.86 -2.66 11.37
CA CYS A 161 -10.88 -3.44 10.70
C CYS A 161 -10.54 -4.94 10.58
N GLY A 162 -9.43 -5.39 11.17
CA GLY A 162 -9.12 -6.82 11.09
C GLY A 162 -8.38 -7.25 9.82
N VAL A 163 -7.77 -6.31 9.10
CA VAL A 163 -7.20 -6.56 7.77
C VAL A 163 -5.70 -6.25 7.75
N LEU A 164 -4.90 -7.21 7.29
CA LEU A 164 -3.46 -7.04 7.10
C LEU A 164 -3.18 -6.91 5.60
N HIS A 165 -2.57 -5.81 5.17
CA HIS A 165 -2.44 -5.60 3.72
C HIS A 165 -1.34 -6.45 3.10
N ARG A 166 -0.17 -6.56 3.74
CA ARG A 166 0.93 -7.41 3.30
C ARG A 166 1.59 -6.98 1.98
N ASP A 167 1.28 -5.82 1.46
CA ASP A 167 2.04 -5.40 0.30
C ASP A 167 2.13 -3.87 0.26
N ILE A 168 2.40 -3.24 1.41
CA ILE A 168 2.61 -1.78 1.42
C ILE A 168 3.85 -1.45 0.59
N LYS A 169 3.68 -0.63 -0.45
CA LYS A 169 4.80 -0.11 -1.23
C LYS A 169 4.31 1.09 -2.03
N ASP A 170 5.26 1.87 -2.60
CA ASP A 170 4.86 3.08 -3.32
C ASP A 170 3.96 2.77 -4.51
N GLU A 171 4.18 1.62 -5.17
CA GLU A 171 3.31 1.21 -6.28
C GLU A 171 1.86 1.01 -5.85
N ASN A 172 1.60 0.64 -4.59
CA ASN A 172 0.26 0.40 -4.09
C ASN A 172 -0.35 1.60 -3.37
N ILE A 173 0.11 2.80 -3.70
CA ILE A 173 -0.40 4.03 -3.10
C ILE A 173 -0.74 5.01 -4.22
N LEU A 174 -2.00 5.47 -4.26
CA LEU A 174 -2.38 6.53 -5.19
C LEU A 174 -2.36 7.88 -4.49
N ILE A 175 -1.99 8.93 -5.23
CA ILE A 175 -2.03 10.32 -4.75
C ILE A 175 -3.16 11.05 -5.50
N ASP A 176 -4.17 11.52 -4.76
CA ASP A 176 -5.15 12.44 -5.33
C ASP A 176 -4.49 13.81 -5.36
N LEU A 177 -4.13 14.24 -6.56
CA LEU A 177 -3.27 15.41 -6.70
C LEU A 177 -4.02 16.72 -6.41
N ASN A 178 -5.35 16.72 -6.47
CA ASN A 178 -6.07 17.94 -6.15
C ASN A 178 -6.34 18.03 -4.65
N ARG A 179 -6.69 16.90 -4.01
CA ARG A 179 -7.00 16.92 -2.59
C ARG A 179 -5.77 16.66 -1.70
N GLY A 180 -4.65 16.18 -2.29
CA GLY A 180 -3.49 15.92 -1.46
C GLY A 180 -3.71 14.75 -0.49
N GLU A 181 -4.61 13.82 -0.83
CA GLU A 181 -4.88 12.63 -0.05
C GLU A 181 -4.25 11.41 -0.71
N LEU A 182 -3.69 10.49 0.11
CA LEU A 182 -3.12 9.23 -0.36
C LEU A 182 -4.13 8.11 -0.16
N LYS A 183 -4.13 7.12 -1.06
CA LYS A 183 -5.07 5.99 -1.01
C LYS A 183 -4.34 4.68 -1.26
N LEU A 184 -4.55 3.73 -0.36
CA LEU A 184 -3.95 2.41 -0.43
C LEU A 184 -4.73 1.51 -1.38
N ILE A 185 -4.05 0.79 -2.27
CA ILE A 185 -4.75 -0.10 -3.20
C ILE A 185 -4.17 -1.51 -3.13
N ASP A 186 -4.84 -2.42 -3.85
CA ASP A 186 -4.44 -3.78 -4.11
C ASP A 186 -4.28 -4.60 -2.84
N PHE A 187 -5.38 -5.17 -2.38
CA PHE A 187 -5.37 -6.06 -1.24
C PHE A 187 -5.20 -7.53 -1.67
N GLY A 188 -4.71 -7.79 -2.87
CA GLY A 188 -4.66 -9.14 -3.38
C GLY A 188 -3.69 -10.06 -2.67
N SER A 189 -2.77 -9.53 -1.88
CA SER A 189 -1.89 -10.37 -1.06
C SER A 189 -2.23 -10.32 0.41
N GLY A 190 -3.35 -9.69 0.78
CA GLY A 190 -3.65 -9.43 2.17
C GLY A 190 -4.13 -10.68 2.89
N ALA A 191 -4.48 -10.50 4.18
CA ALA A 191 -5.04 -11.55 5.03
C ALA A 191 -5.84 -10.92 6.16
N LEU A 192 -6.67 -11.75 6.78
CA LEU A 192 -7.23 -11.34 8.06
C LEU A 192 -6.08 -11.12 9.02
N LEU A 193 -6.18 -10.08 9.85
CA LEU A 193 -5.12 -9.82 10.83
C LEU A 193 -5.24 -10.82 11.98
N LYS A 194 -4.13 -11.44 12.38
CA LYS A 194 -4.10 -12.34 13.53
C LYS A 194 -2.84 -12.06 14.35
N ASP A 195 -2.78 -12.62 15.56
CA ASP A 195 -1.63 -12.41 16.41
C ASP A 195 -0.63 -13.58 16.36
N THR A 196 -0.97 -14.68 15.68
CA THR A 196 -0.08 -15.83 15.57
C THR A 196 0.76 -15.69 14.30
N VAL A 197 1.69 -16.65 14.07
CA VAL A 197 2.71 -16.45 13.06
C VAL A 197 2.11 -16.67 11.67
N TYR A 198 2.54 -15.89 10.67
CA TYR A 198 2.26 -16.20 9.27
C TYR A 198 3.41 -16.99 8.68
N THR A 199 3.10 -18.00 7.85
CA THR A 199 4.11 -18.80 7.17
C THR A 199 3.92 -18.81 5.66
N ASP A 200 3.03 -17.96 5.13
CA ASP A 200 2.83 -17.77 3.71
C ASP A 200 3.00 -16.28 3.41
N PHE A 201 3.41 -15.95 2.17
CA PHE A 201 3.61 -14.58 1.75
C PHE A 201 3.69 -14.52 0.23
N ASP A 202 2.97 -13.57 -0.37
CA ASP A 202 2.95 -13.33 -1.80
C ASP A 202 3.09 -11.83 -2.12
N GLY A 203 3.45 -11.00 -1.13
CA GLY A 203 3.72 -9.59 -1.39
C GLY A 203 5.05 -9.40 -2.08
N THR A 204 5.57 -8.16 -2.01
CA THR A 204 6.79 -7.77 -2.72
C THR A 204 8.02 -8.08 -1.87
N ARG A 205 8.92 -8.87 -2.44
CA ARG A 205 10.04 -9.42 -1.66
C ARG A 205 10.96 -8.32 -1.15
N VAL A 206 11.25 -7.31 -1.98
CA VAL A 206 12.15 -6.24 -1.55
C VAL A 206 11.56 -5.38 -0.44
N TYR A 207 10.25 -5.50 -0.15
CA TYR A 207 9.68 -4.84 1.02
C TYR A 207 9.45 -5.83 2.18
N SER A 208 9.79 -7.13 1.99
CA SER A 208 9.50 -8.12 3.03
C SER A 208 10.63 -8.16 4.04
N PRO A 209 10.35 -8.60 5.27
CA PRO A 209 11.31 -8.42 6.34
C PRO A 209 12.31 -9.56 6.41
N PRO A 210 13.41 -9.34 7.10
CA PRO A 210 14.46 -10.36 7.13
C PRO A 210 14.03 -11.66 7.76
N GLU A 211 13.10 -11.62 8.72
CA GLU A 211 12.66 -12.88 9.30
C GLU A 211 11.89 -13.72 8.28
N TRP A 212 11.24 -13.07 7.30
CA TRP A 212 10.65 -13.82 6.18
C TRP A 212 11.73 -14.42 5.30
N ILE A 213 12.72 -13.59 4.92
CA ILE A 213 13.82 -14.06 4.09
C ILE A 213 14.53 -15.25 4.74
N ARG A 214 14.77 -15.18 6.05
CA ARG A 214 15.64 -16.18 6.69
C ARG A 214 14.89 -17.41 7.14
N TYR A 215 13.65 -17.26 7.67
CA TYR A 215 12.94 -18.37 8.30
C TYR A 215 11.54 -18.62 7.74
N HIS A 216 11.07 -17.86 6.77
CA HIS A 216 9.73 -18.03 6.21
C HIS A 216 8.65 -17.93 7.29
N ARG A 217 8.86 -17.02 8.25
CA ARG A 217 7.93 -16.70 9.32
C ARG A 217 7.92 -15.19 9.59
N TYR A 218 6.75 -14.66 9.97
CA TYR A 218 6.67 -13.26 10.39
C TYR A 218 5.36 -13.09 11.14
N HIS A 219 5.30 -12.03 11.96
CA HIS A 219 4.07 -11.58 12.57
C HIS A 219 3.60 -10.31 11.87
N GLY A 220 2.30 -10.05 11.91
CA GLY A 220 1.71 -9.13 10.94
C GLY A 220 2.15 -7.69 11.12
N ARG A 221 2.01 -7.16 12.33
CA ARG A 221 2.27 -5.75 12.56
C ARG A 221 3.74 -5.42 12.40
N SER A 222 4.61 -6.24 12.99
CA SER A 222 6.04 -5.95 12.89
C SER A 222 6.54 -6.10 11.46
N ALA A 223 5.95 -7.00 10.66
CA ALA A 223 6.32 -7.08 9.25
C ALA A 223 5.82 -5.85 8.50
N ALA A 224 4.61 -5.38 8.85
CA ALA A 224 4.10 -4.15 8.26
C ALA A 224 5.04 -2.99 8.59
N VAL A 225 5.53 -2.92 9.84
CA VAL A 225 6.42 -1.81 10.20
C VAL A 225 7.70 -1.84 9.39
N TRP A 226 8.25 -3.03 9.14
CA TRP A 226 9.44 -3.12 8.29
C TRP A 226 9.16 -2.51 6.92
N SER A 227 8.03 -2.86 6.30
CA SER A 227 7.79 -2.34 4.95
C SER A 227 7.55 -0.84 4.96
N LEU A 228 7.06 -0.30 6.07
CA LEU A 228 6.92 1.15 6.20
C LEU A 228 8.28 1.82 6.33
N GLY A 229 9.23 1.15 6.98
CA GLY A 229 10.61 1.64 6.94
C GLY A 229 11.17 1.70 5.53
N ILE A 230 10.92 0.65 4.74
CA ILE A 230 11.40 0.62 3.35
C ILE A 230 10.79 1.77 2.58
N LEU A 231 9.46 1.94 2.75
CA LEU A 231 8.73 3.01 2.08
C LEU A 231 9.24 4.40 2.46
N LEU A 232 9.49 4.64 3.75
CA LEU A 232 9.96 5.95 4.18
C LEU A 232 11.34 6.25 3.57
N TYR A 233 12.23 5.27 3.59
CA TYR A 233 13.53 5.45 2.95
C TYR A 233 13.34 5.77 1.47
N ASP A 234 12.44 5.03 0.81
CA ASP A 234 12.11 5.25 -0.60
C ASP A 234 11.73 6.70 -0.84
N MET A 235 10.89 7.25 0.04
CA MET A 235 10.44 8.62 -0.14
C MET A 235 11.55 9.63 0.01
N VAL A 236 12.35 9.53 1.08
CA VAL A 236 13.35 10.59 1.31
C VAL A 236 14.65 10.38 0.57
N CYS A 237 14.87 9.20 -0.01
CA CYS A 237 16.09 8.95 -0.77
C CYS A 237 15.87 8.77 -2.26
N GLY A 238 14.61 8.55 -2.68
CA GLY A 238 14.31 8.44 -4.09
C GLY A 238 14.32 7.02 -4.64
N ASP A 239 14.71 6.04 -3.85
CA ASP A 239 14.53 4.65 -4.24
C ASP A 239 14.70 3.79 -3.00
N ILE A 240 14.34 2.52 -3.09
CA ILE A 240 14.31 1.66 -1.90
C ILE A 240 15.75 1.34 -1.51
N PRO A 241 16.03 0.98 -0.25
CA PRO A 241 17.43 0.75 0.14
C PRO A 241 18.00 -0.58 -0.32
N PHE A 242 17.18 -1.63 -0.44
CA PHE A 242 17.66 -2.98 -0.61
C PHE A 242 17.06 -3.59 -1.87
N GLU A 243 17.88 -4.32 -2.63
CA GLU A 243 17.41 -5.12 -3.76
C GLU A 243 17.66 -6.62 -3.58
N HIS A 244 18.61 -7.03 -2.74
CA HIS A 244 19.05 -8.42 -2.66
C HIS A 244 18.83 -8.95 -1.26
N ASP A 245 18.53 -10.25 -1.19
CA ASP A 245 18.31 -10.89 0.09
C ASP A 245 19.39 -10.52 1.10
N GLU A 246 20.64 -10.56 0.65
CA GLU A 246 21.76 -10.30 1.54
C GLU A 246 21.72 -8.88 2.11
N GLU A 247 21.32 -7.89 1.32
CA GLU A 247 21.13 -6.56 1.90
C GLU A 247 19.98 -6.57 2.90
N ILE A 248 18.88 -7.27 2.59
CA ILE A 248 17.72 -7.26 3.48
C ILE A 248 18.08 -7.81 4.86
N ILE A 249 18.83 -8.93 4.88
CA ILE A 249 19.18 -9.49 6.17
C ILE A 249 20.44 -8.87 6.76
N GLY A 250 21.22 -8.11 5.98
CA GLY A 250 22.44 -7.51 6.50
C GLY A 250 22.22 -6.45 7.58
N GLY A 251 21.10 -5.75 7.54
CA GLY A 251 20.84 -4.75 8.56
C GLY A 251 21.72 -3.50 8.49
N GLN A 252 22.10 -3.07 7.30
CA GLN A 252 22.91 -1.88 7.09
C GLN A 252 22.13 -0.91 6.22
N VAL A 253 21.89 0.29 6.73
CA VAL A 253 21.16 1.31 5.98
C VAL A 253 22.16 2.40 5.64
N PHE A 254 22.51 2.51 4.36
CA PHE A 254 23.34 3.59 3.87
C PHE A 254 22.41 4.66 3.29
N PHE A 255 22.60 5.92 3.69
CA PHE A 255 21.80 7.04 3.19
C PHE A 255 22.52 7.70 2.02
N ARG A 256 21.85 7.69 0.87
CA ARG A 256 22.36 8.15 -0.40
C ARG A 256 21.95 9.59 -0.70
N GLN A 257 21.05 10.16 0.12
CA GLN A 257 20.66 11.56 0.06
C GLN A 257 20.88 12.15 1.44
N ARG A 258 20.91 13.47 1.49
N ARG A 258 20.94 13.48 1.48
CA ARG A 258 20.93 14.19 2.77
CA ARG A 258 20.92 14.18 2.75
C ARG A 258 19.59 14.01 3.46
C ARG A 258 19.57 13.93 3.42
N VAL A 259 19.59 13.32 4.60
CA VAL A 259 18.38 13.08 5.38
C VAL A 259 18.68 13.47 6.82
N SER A 260 17.75 14.17 7.46
CA SER A 260 17.98 14.65 8.83
C SER A 260 18.23 13.46 9.76
N SER A 261 18.97 13.72 10.85
CA SER A 261 19.23 12.69 11.85
C SER A 261 17.94 12.10 12.43
N GLU A 262 16.91 12.93 12.63
CA GLU A 262 15.66 12.42 13.21
C GLU A 262 14.97 11.44 12.26
N CYS A 263 14.92 11.77 10.97
CA CYS A 263 14.34 10.85 9.99
C CYS A 263 15.16 9.56 9.88
N GLN A 264 16.50 9.67 9.79
CA GLN A 264 17.36 8.48 9.77
C GLN A 264 17.08 7.58 10.97
N HIS A 265 16.90 8.18 12.15
CA HIS A 265 16.64 7.38 13.33
C HIS A 265 15.31 6.62 13.19
N LEU A 266 14.24 7.29 12.74
CA LEU A 266 12.95 6.60 12.55
C LEU A 266 13.09 5.45 11.56
N ILE A 267 13.72 5.71 10.41
CA ILE A 267 13.91 4.67 9.41
C ILE A 267 14.68 3.49 10.01
N ARG A 268 15.80 3.78 10.67
CA ARG A 268 16.62 2.67 11.18
C ARG A 268 15.87 1.89 12.25
N TRP A 269 15.02 2.57 13.02
CA TRP A 269 14.18 1.88 13.99
C TRP A 269 13.17 0.96 13.32
N CYS A 270 12.42 1.48 12.33
CA CYS A 270 11.51 0.63 11.55
C CYS A 270 12.21 -0.58 10.95
N LEU A 271 13.49 -0.44 10.58
CA LEU A 271 14.26 -1.51 9.96
C LEU A 271 15.15 -2.25 10.95
N ALA A 272 14.83 -2.24 12.24
CA ALA A 272 15.57 -3.12 13.14
C ALA A 272 15.47 -4.57 12.66
N LEU A 273 16.60 -5.30 12.70
CA LEU A 273 16.58 -6.71 12.29
C LEU A 273 15.69 -7.56 13.19
N ARG A 274 15.74 -7.36 14.50
CA ARG A 274 14.88 -8.14 15.37
C ARG A 274 13.46 -7.56 15.34
N PRO A 275 12.44 -8.34 15.00
CA PRO A 275 11.06 -7.78 14.94
C PRO A 275 10.61 -7.09 16.22
N SER A 276 10.92 -7.68 17.37
CA SER A 276 10.51 -7.10 18.64
C SER A 276 11.20 -5.76 18.92
N ASP A 277 12.25 -5.42 18.20
CA ASP A 277 12.94 -4.14 18.38
C ASP A 277 12.34 -2.98 17.56
N ARG A 278 11.36 -3.25 16.67
CA ARG A 278 10.75 -2.25 15.81
C ARG A 278 9.69 -1.47 16.59
N PRO A 279 9.43 -0.22 16.20
CA PRO A 279 8.40 0.56 16.89
C PRO A 279 7.01 0.03 16.60
N THR A 280 6.09 0.23 17.56
CA THR A 280 4.66 0.15 17.28
C THR A 280 4.22 1.31 16.39
N PHE A 281 3.00 1.21 15.84
CA PHE A 281 2.44 2.34 15.10
C PHE A 281 2.37 3.60 15.95
N GLU A 282 2.07 3.44 17.25
CA GLU A 282 1.99 4.58 18.16
C GLU A 282 3.35 5.24 18.33
N GLU A 283 4.40 4.44 18.53
CA GLU A 283 5.76 4.99 18.61
C GLU A 283 6.20 5.66 17.31
N ILE A 284 5.83 5.12 16.16
CA ILE A 284 6.12 5.84 14.91
C ILE A 284 5.47 7.22 14.92
N GLN A 285 4.16 7.28 15.19
CA GLN A 285 3.46 8.56 15.09
C GLN A 285 3.80 9.52 16.21
N ASN A 286 4.30 9.04 17.35
CA ASN A 286 4.82 9.93 18.37
C ASN A 286 6.29 10.28 18.15
N HIS A 287 6.94 9.73 17.13
CA HIS A 287 8.36 10.03 16.93
C HIS A 287 8.56 11.53 16.69
N PRO A 288 9.66 12.12 17.18
CA PRO A 288 9.88 13.55 16.93
C PRO A 288 9.89 13.94 15.44
N TRP A 289 10.40 13.09 14.54
CA TRP A 289 10.34 13.46 13.13
C TRP A 289 8.91 13.61 12.62
N MET A 290 7.92 13.02 13.31
CA MET A 290 6.57 12.97 12.79
C MET A 290 5.69 14.13 13.24
N GLN A 291 6.23 15.08 14.01
CA GLN A 291 5.38 16.14 14.58
C GLN A 291 5.11 17.26 13.57
N ASP A 292 3.97 17.94 13.76
CA ASP A 292 3.55 19.09 12.95
C ASP A 292 3.33 18.74 11.47
N VAL A 293 2.65 17.61 11.24
CA VAL A 293 2.35 17.23 9.86
C VAL A 293 1.46 18.28 9.19
N LEU A 294 1.64 18.45 7.88
CA LEU A 294 0.73 19.28 7.08
C LEU A 294 -0.64 18.60 6.95
N LEU A 295 -1.70 19.42 6.86
CA LEU A 295 -3.02 18.90 6.48
C LEU A 295 -2.98 18.47 5.01
N PRO A 296 -3.90 17.61 4.58
CA PRO A 296 -3.87 17.18 3.17
C PRO A 296 -4.01 18.33 2.20
N GLN A 297 -4.90 19.29 2.48
CA GLN A 297 -5.09 20.41 1.56
C GLN A 297 -3.86 21.32 1.49
N GLU A 298 -3.23 21.60 2.62
CA GLU A 298 -1.94 22.31 2.58
C GLU A 298 -0.91 21.53 1.76
N THR A 299 -0.89 20.20 1.89
CA THR A 299 0.07 19.41 1.12
C THR A 299 -0.18 19.59 -0.38
N ALA A 300 -1.44 19.58 -0.80
CA ALA A 300 -1.74 19.77 -2.20
C ALA A 300 -1.31 21.15 -2.67
N GLU A 301 -1.63 22.19 -1.89
CA GLU A 301 -1.34 23.56 -2.31
C GLU A 301 0.16 23.84 -2.32
N ILE A 302 0.90 23.33 -1.35
CA ILE A 302 2.33 23.68 -1.26
C ILE A 302 3.15 22.85 -2.23
N HIS A 303 2.79 21.58 -2.41
CA HIS A 303 3.67 20.64 -3.09
C HIS A 303 3.12 20.05 -4.37
N LEU A 304 1.81 20.12 -4.61
CA LEU A 304 1.19 19.37 -5.71
C LEU A 304 0.47 20.24 -6.73
N HIS A 305 -0.01 21.44 -6.37
CA HIS A 305 -0.68 22.31 -7.34
C HIS A 305 0.36 23.09 -8.12
N ARG B 2 21.25 5.68 -11.65
CA ARG B 2 21.08 4.33 -11.09
C ARG B 2 19.66 3.78 -11.38
N LYS B 3 19.54 2.48 -11.68
CA LYS B 3 18.28 1.92 -12.18
C LYS B 3 17.29 1.73 -11.04
N ARG B 4 16.19 2.46 -11.11
CA ARG B 4 15.03 2.28 -10.26
C ARG B 4 13.98 1.51 -11.02
N ARG B 5 13.36 0.53 -10.37
CA ARG B 5 12.42 -0.35 -11.06
C ARG B 5 11.27 -0.72 -10.14
N ARG B 6 10.14 -1.02 -10.77
CA ARG B 6 9.02 -1.67 -10.11
C ARG B 6 9.40 -3.12 -9.80
N HIS B 7 8.69 -3.70 -8.82
CA HIS B 7 8.90 -5.10 -8.40
C HIS B 7 7.53 -5.76 -8.32
N PRO B 8 7.38 -6.94 -8.91
CA PRO B 8 6.08 -7.61 -8.92
C PRO B 8 5.79 -8.33 -7.62
N SER B 9 4.51 -8.63 -7.43
CA SER B 9 3.97 -9.37 -6.30
C SER B 9 2.73 -10.12 -6.76
N GLY B 10 1.98 -10.68 -5.81
CA GLY B 10 0.78 -11.43 -6.15
C GLY B 10 1.05 -12.81 -6.72
#